data_4H6J
#
_entry.id   4H6J
#
_cell.length_a   68.841
_cell.length_b   44.940
_cell.length_c   78.087
_cell.angle_alpha   90.00
_cell.angle_beta   96.54
_cell.angle_gamma   90.00
#
_symmetry.space_group_name_H-M   'C 1 2 1'
#
loop_
_entity.id
_entity.type
_entity.pdbx_description
1 polymer 'HYPOXIA INDUCIBLE FACTOR 1-ALPHA'
2 polymer 'ARYL HYDROCARBON NUCLEAR TRANSLOCATOR'
3 water water
#
loop_
_entity_poly.entity_id
_entity_poly.type
_entity_poly.pdbx_seq_one_letter_code
_entity_poly.pdbx_strand_id
1 'polypeptide(L)'
;GSDSKTFLSEHSLDMKFSYCDERITELMGYEPEELLGRSIYEYYHALDSDHLTKTHHDMFTKGQVTTGQYRMLAKRGGYV
WVETQATVIYNTKNSQPQCIVCVNYVVSGIIQH
;
A
2 'polypeptide(L)'
;GSVCQPTRFISRHNIEGIFTFVDHRCVATVGYQPQELLGKNIVEFCHPEDQQLLRDSFQQVVKLKGQVLSVMFRFRSKNQ
EWLWMRTSSFTFQNPYSDEIEYIICTNTNVKNSSQE
;
B
#
# COMPACT_ATOMS: atom_id res chain seq x y z
N ASP A 3 -1.60 12.50 7.46
CA ASP A 3 -3.00 12.78 7.02
C ASP A 3 -3.02 13.60 5.73
N SER A 4 -2.86 14.91 5.87
CA SER A 4 -2.92 15.83 4.75
C SER A 4 -1.59 15.91 4.01
N LYS A 5 -0.55 15.32 4.59
CA LYS A 5 0.78 15.40 4.01
C LYS A 5 1.23 14.07 3.42
N THR A 6 0.32 13.11 3.31
CA THR A 6 0.69 11.74 2.96
C THR A 6 0.00 11.26 1.70
N PHE A 7 0.71 10.46 0.91
CA PHE A 7 0.05 9.72 -0.17
C PHE A 7 0.68 8.33 -0.30
N LEU A 8 -0.17 7.35 -0.60
CA LEU A 8 0.28 5.98 -0.81
C LEU A 8 0.62 5.77 -2.27
N SER A 9 1.63 4.94 -2.52
CA SER A 9 1.88 4.50 -3.89
C SER A 9 2.23 3.03 -3.91
N GLU A 10 2.07 2.41 -5.07
CA GLU A 10 2.53 1.05 -5.28
C GLU A 10 3.46 1.06 -6.48
N HIS A 11 4.50 0.22 -6.42
CA HIS A 11 5.48 0.17 -7.50
C HIS A 11 5.79 -1.26 -7.89
N SER A 12 6.10 -1.46 -9.15
CA SER A 12 6.70 -2.73 -9.56
C SER A 12 8.13 -2.77 -9.03
N LEU A 13 8.81 -3.89 -9.18
CA LEU A 13 10.08 -4.09 -8.49
C LEU A 13 11.20 -3.20 -9.02
N ASP A 14 10.97 -2.61 -10.19
CA ASP A 14 11.90 -1.60 -10.74
C ASP A 14 11.52 -0.20 -10.30
N MET A 15 10.53 -0.10 -9.41
CA MET A 15 10.06 1.16 -8.84
C MET A 15 9.28 2.07 -9.80
N LYS A 16 8.81 1.51 -10.91
CA LYS A 16 7.81 2.20 -11.73
C LYS A 16 6.47 2.22 -10.99
N PHE A 17 5.74 3.33 -11.07
CA PHE A 17 4.44 3.43 -10.43
C PHE A 17 3.48 2.42 -11.03
N SER A 18 2.82 1.63 -10.17
CA SER A 18 1.70 0.82 -10.60
C SER A 18 0.39 1.31 -9.97
N TYR A 19 0.52 2.16 -8.95
CA TYR A 19 -0.63 2.84 -8.35
C TYR A 19 -0.18 4.11 -7.64
N CYS A 20 -0.99 5.16 -7.71
CA CYS A 20 -0.75 6.33 -6.88
C CYS A 20 -2.03 6.92 -6.32
N ASP A 21 -1.97 7.20 -5.02
CA ASP A 21 -3.00 7.87 -4.24
C ASP A 21 -3.36 9.25 -4.83
N GLU A 22 -4.64 9.56 -4.90
CA GLU A 22 -5.09 10.85 -5.46
C GLU A 22 -4.64 12.03 -4.60
N ARG A 23 -4.23 11.76 -3.36
CA ARG A 23 -3.77 12.82 -2.48
C ARG A 23 -2.49 13.47 -3.00
N ILE A 24 -1.84 12.82 -3.98
CA ILE A 24 -0.59 13.35 -4.51
C ILE A 24 -0.83 14.62 -5.33
N THR A 25 -2.02 14.72 -5.92
CA THR A 25 -2.35 15.86 -6.77
C THR A 25 -2.31 17.17 -5.98
N GLU A 26 -2.83 17.15 -4.77
CA GLU A 26 -2.85 18.34 -3.94
C GLU A 26 -1.47 18.67 -3.39
N LEU A 27 -0.60 17.66 -3.32
CA LEU A 27 0.72 17.84 -2.73
C LEU A 27 1.80 18.15 -3.76
N MET A 28 1.65 17.62 -4.97
CA MET A 28 2.70 17.74 -5.98
C MET A 28 2.18 18.04 -7.37
N GLY A 29 0.86 18.13 -7.52
CA GLY A 29 0.28 18.57 -8.77
C GLY A 29 -0.05 17.48 -9.78
N TYR A 30 0.60 16.32 -9.66
CA TYR A 30 0.39 15.25 -10.62
C TYR A 30 -0.95 14.58 -10.45
N GLU A 31 -1.56 14.19 -11.57
CA GLU A 31 -2.64 13.22 -11.59
C GLU A 31 -2.01 11.82 -11.60
N PRO A 32 -2.58 10.90 -10.82
CA PRO A 32 -2.04 9.54 -10.75
C PRO A 32 -1.83 8.89 -12.12
N GLU A 33 -2.74 9.14 -13.05
CA GLU A 33 -2.62 8.57 -14.38
C GLU A 33 -1.36 9.02 -15.11
N GLU A 34 -0.86 10.20 -14.75
CA GLU A 34 0.37 10.73 -15.36
C GLU A 34 1.56 9.87 -14.98
N LEU A 35 1.57 9.36 -13.75
CA LEU A 35 2.73 8.70 -13.18
C LEU A 35 2.77 7.21 -13.49
N LEU A 36 1.60 6.63 -13.76
CA LEU A 36 1.53 5.19 -14.02
C LEU A 36 2.52 4.76 -15.09
N GLY A 37 3.30 3.72 -14.77
CA GLY A 37 4.23 3.17 -15.74
C GLY A 37 5.58 3.87 -15.78
N ARG A 38 5.72 4.96 -15.04
CA ARG A 38 6.97 5.71 -15.04
C ARG A 38 7.81 5.44 -13.81
N SER A 39 9.12 5.42 -13.97
CA SER A 39 10.02 5.19 -12.85
C SER A 39 10.02 6.42 -11.95
N ILE A 40 9.91 6.19 -10.65
CA ILE A 40 9.94 7.30 -9.71
C ILE A 40 11.31 7.98 -9.74
N TYR A 41 12.32 7.28 -10.23
CA TYR A 41 13.66 7.85 -10.33
C TYR A 41 13.71 9.05 -11.28
N GLU A 42 12.70 9.15 -12.15
CA GLU A 42 12.61 10.29 -13.06
C GLU A 42 12.25 11.57 -12.31
N TYR A 43 11.82 11.41 -11.06
CA TYR A 43 11.32 12.56 -10.29
C TYR A 43 12.23 12.94 -9.11
N TYR A 44 13.10 12.03 -8.70
CA TYR A 44 14.06 12.33 -7.63
C TYR A 44 15.04 13.41 -8.05
N HIS A 45 15.41 14.27 -7.11
CA HIS A 45 16.48 15.25 -7.35
C HIS A 45 17.78 14.50 -7.60
N ALA A 46 18.58 14.99 -8.54
CA ALA A 46 19.82 14.31 -8.93
C ALA A 46 20.74 14.04 -7.75
N LEU A 47 20.73 14.91 -6.75
CA LEU A 47 21.61 14.77 -5.61
C LEU A 47 21.12 13.73 -4.61
N ASP A 48 19.91 13.25 -4.80
CA ASP A 48 19.34 12.26 -3.89
C ASP A 48 19.33 10.85 -4.49
N SER A 49 19.56 10.76 -5.79
CA SER A 49 19.41 9.50 -6.52
C SER A 49 20.28 8.38 -5.93
N ASP A 50 21.52 8.72 -5.58
CA ASP A 50 22.45 7.69 -5.15
C ASP A 50 22.06 7.04 -3.82
N HIS A 51 21.71 7.85 -2.83
CA HIS A 51 21.38 7.26 -1.54
C HIS A 51 20.02 6.56 -1.58
N LEU A 52 19.13 6.99 -2.47
CA LEU A 52 17.86 6.30 -2.64
C LEU A 52 18.08 4.95 -3.33
N THR A 53 19.03 4.92 -4.27
CA THR A 53 19.37 3.66 -4.91
C THR A 53 19.92 2.67 -3.88
N LYS A 54 20.74 3.18 -2.97
CA LYS A 54 21.30 2.32 -1.94
C LYS A 54 20.19 1.82 -1.02
N THR A 55 19.25 2.70 -0.67
CA THR A 55 18.15 2.31 0.20
C THR A 55 17.30 1.22 -0.42
N HIS A 56 17.02 1.35 -1.72
CA HIS A 56 16.19 0.37 -2.40
C HIS A 56 16.93 -0.94 -2.59
N HIS A 57 18.26 -0.87 -2.64
CA HIS A 57 19.05 -2.08 -2.71
C HIS A 57 18.85 -2.89 -1.42
N ASP A 58 18.96 -2.20 -0.29
CA ASP A 58 18.83 -2.83 1.01
C ASP A 58 17.38 -3.28 1.26
N MET A 59 16.44 -2.63 0.59
CA MET A 59 15.01 -2.90 0.75
C MET A 59 14.67 -4.38 0.58
N PHE A 60 15.27 -5.03 -0.41
CA PHE A 60 14.96 -6.43 -0.69
C PHE A 60 15.61 -7.36 0.32
N THR A 61 16.69 -6.89 0.94
CA THR A 61 17.37 -7.67 1.97
C THR A 61 16.69 -7.51 3.32
N LYS A 62 16.11 -6.33 3.57
CA LYS A 62 15.54 -6.00 4.86
C LYS A 62 14.03 -6.19 4.91
N GLY A 63 13.39 -6.11 3.75
CA GLY A 63 11.94 -6.25 3.69
C GLY A 63 11.19 -4.94 3.82
N GLN A 64 11.74 -4.03 4.63
CA GLN A 64 11.11 -2.74 4.84
C GLN A 64 12.19 -1.71 5.18
N VAL A 65 12.11 -0.55 4.57
CA VAL A 65 13.12 0.48 4.77
C VAL A 65 12.49 1.86 4.81
N THR A 66 13.18 2.80 5.46
CA THR A 66 12.77 4.20 5.36
C THR A 66 13.89 4.98 4.67
N THR A 67 13.51 5.88 3.76
CA THR A 67 14.48 6.58 2.92
C THR A 67 15.20 7.71 3.64
N GLY A 68 14.55 8.32 4.62
CA GLY A 68 15.02 9.61 5.07
C GLY A 68 14.69 10.64 3.98
N GLN A 69 15.23 11.84 4.12
CA GLN A 69 14.70 12.95 3.32
C GLN A 69 15.32 13.07 1.94
N TYR A 70 14.46 13.29 0.95
CA TYR A 70 14.90 13.54 -0.41
C TYR A 70 14.01 14.57 -1.07
N ARG A 71 14.50 15.20 -2.13
CA ARG A 71 13.66 16.11 -2.87
C ARG A 71 13.03 15.43 -4.08
N MET A 72 11.77 15.72 -4.31
CA MET A 72 11.04 15.16 -5.44
C MET A 72 10.48 16.31 -6.26
N LEU A 73 10.61 16.22 -7.58
CA LEU A 73 10.14 17.27 -8.47
C LEU A 73 8.62 17.27 -8.58
N ALA A 74 8.00 18.39 -8.22
CA ALA A 74 6.55 18.53 -8.37
C ALA A 74 6.23 18.97 -9.79
N LYS A 75 4.95 18.88 -10.17
CA LYS A 75 4.55 19.25 -11.51
C LYS A 75 4.85 20.72 -11.78
N ARG A 76 4.61 21.55 -10.77
CA ARG A 76 4.95 22.96 -10.82
C ARG A 76 5.52 23.40 -9.48
N GLY A 77 6.32 24.47 -9.50
CA GLY A 77 6.76 25.07 -8.25
C GLY A 77 8.08 24.56 -7.70
N GLY A 78 8.68 23.58 -8.38
CA GLY A 78 9.97 23.08 -7.95
C GLY A 78 9.89 21.78 -7.18
N TYR A 79 10.79 21.61 -6.22
CA TYR A 79 10.89 20.36 -5.46
C TYR A 79 10.15 20.41 -4.13
N VAL A 80 9.72 19.23 -3.69
CA VAL A 80 9.19 19.06 -2.34
C VAL A 80 10.08 18.08 -1.60
N TRP A 81 10.21 18.26 -0.29
CA TRP A 81 10.94 17.32 0.54
C TRP A 81 10.04 16.19 1.00
N VAL A 82 10.50 14.97 0.81
CA VAL A 82 9.71 13.77 1.07
C VAL A 82 10.51 12.78 1.92
N GLU A 83 9.79 11.99 2.73
CA GLU A 83 10.37 10.80 3.32
C GLU A 83 9.41 9.66 3.04
N THR A 84 9.94 8.49 2.70
CA THR A 84 9.11 7.37 2.31
C THR A 84 9.47 6.14 3.11
N GLN A 85 8.44 5.41 3.57
CA GLN A 85 8.65 4.07 4.10
C GLN A 85 8.20 3.09 3.03
N ALA A 86 9.10 2.21 2.63
CA ALA A 86 8.84 1.26 1.56
C ALA A 86 8.78 -0.15 2.11
N THR A 87 7.76 -0.90 1.70
CA THR A 87 7.57 -2.25 2.18
C THR A 87 7.42 -3.20 1.02
N VAL A 88 8.18 -4.29 1.04
CA VAL A 88 8.10 -5.28 -0.03
C VAL A 88 6.94 -6.22 0.24
N ILE A 89 6.12 -6.45 -0.76
CA ILE A 89 5.02 -7.40 -0.62
C ILE A 89 5.40 -8.64 -1.40
N TYR A 90 5.27 -9.81 -0.78
CA TYR A 90 5.77 -11.05 -1.35
C TYR A 90 4.67 -11.97 -1.84
N ASN A 91 4.96 -12.73 -2.89
CA ASN A 91 4.09 -13.81 -3.34
C ASN A 91 4.18 -14.93 -2.31
N THR A 92 3.04 -15.49 -1.94
CA THR A 92 2.99 -16.51 -0.89
C THR A 92 3.66 -17.80 -1.30
N LYS A 93 3.38 -18.25 -2.52
CA LYS A 93 3.81 -19.56 -2.98
C LYS A 93 5.34 -19.68 -3.00
N ASN A 94 5.98 -18.75 -3.69
CA ASN A 94 7.42 -18.81 -3.90
C ASN A 94 8.19 -17.84 -3.02
N SER A 95 7.46 -17.07 -2.21
CA SER A 95 8.05 -16.05 -1.36
C SER A 95 8.95 -15.10 -2.14
N GLN A 96 8.67 -14.94 -3.43
CA GLN A 96 9.37 -13.96 -4.24
C GLN A 96 8.70 -12.60 -4.11
N PRO A 97 9.48 -11.51 -4.19
CA PRO A 97 8.90 -10.17 -4.13
C PRO A 97 7.88 -9.96 -5.26
N GLN A 98 6.75 -9.34 -4.92
CA GLN A 98 5.70 -9.09 -5.88
C GLN A 98 5.61 -7.62 -6.28
N CYS A 99 5.55 -6.74 -5.29
CA CYS A 99 5.49 -5.31 -5.54
C CYS A 99 5.97 -4.56 -4.32
N ILE A 100 6.06 -3.23 -4.44
CA ILE A 100 6.49 -2.38 -3.34
C ILE A 100 5.37 -1.43 -2.96
N VAL A 101 5.03 -1.38 -1.69
CA VAL A 101 4.05 -0.41 -1.20
C VAL A 101 4.74 0.69 -0.41
N CYS A 102 4.46 1.94 -0.78
CA CYS A 102 5.16 3.06 -0.17
C CYS A 102 4.21 4.00 0.55
N VAL A 103 4.59 4.39 1.75
CA VAL A 103 3.91 5.48 2.43
C VAL A 103 4.81 6.70 2.34
N ASN A 104 4.36 7.69 1.58
CA ASN A 104 5.16 8.87 1.28
C ASN A 104 4.59 10.04 2.06
N TYR A 105 5.44 10.77 2.77
CA TYR A 105 4.98 11.96 3.47
C TYR A 105 5.87 13.17 3.20
N VAL A 106 5.24 14.30 2.91
CA VAL A 106 5.97 15.51 2.58
C VAL A 106 6.33 16.25 3.86
N VAL A 107 7.57 16.74 3.91
CA VAL A 107 8.07 17.42 5.09
C VAL A 107 8.40 18.88 4.78
N SER A 108 8.29 19.24 3.50
CA SER A 108 8.45 20.63 3.10
C SER A 108 7.12 21.19 2.60
N SER B 2 2.94 -9.37 -21.60
CA SER B 2 3.71 -10.62 -21.39
C SER B 2 3.61 -11.08 -19.95
N VAL B 3 3.38 -10.14 -19.04
CA VAL B 3 3.25 -10.46 -17.62
C VAL B 3 1.81 -10.30 -17.16
N CYS B 4 1.20 -11.41 -16.79
CA CYS B 4 -0.15 -11.39 -16.24
C CYS B 4 -0.06 -11.09 -14.74
N GLN B 5 -0.47 -9.90 -14.34
CA GLN B 5 -0.36 -9.49 -12.95
C GLN B 5 -1.60 -9.87 -12.14
N PRO B 6 -1.40 -10.33 -10.90
CA PRO B 6 -2.51 -10.67 -10.01
C PRO B 6 -3.41 -9.47 -9.78
N THR B 7 -4.70 -9.71 -9.61
CA THR B 7 -5.64 -8.63 -9.37
C THR B 7 -5.62 -8.30 -7.88
N ARG B 8 -5.35 -7.03 -7.55
CA ARG B 8 -5.21 -6.63 -6.16
C ARG B 8 -5.54 -5.16 -5.94
N PHE B 9 -5.83 -4.80 -4.69
CA PHE B 9 -6.00 -3.39 -4.34
C PHE B 9 -5.50 -3.13 -2.94
N ILE B 10 -5.19 -1.86 -2.68
CA ILE B 10 -4.71 -1.44 -1.38
C ILE B 10 -5.86 -0.83 -0.59
N SER B 11 -5.87 -1.07 0.72
CA SER B 11 -6.84 -0.43 1.59
C SER B 11 -6.17 0.01 2.89
N ARG B 12 -6.77 1.00 3.54
CA ARG B 12 -6.33 1.39 4.87
C ARG B 12 -7.46 1.09 5.83
N HIS B 13 -7.11 0.64 7.04
CA HIS B 13 -8.12 0.31 8.05
C HIS B 13 -7.72 0.88 9.40
N ASN B 14 -8.71 1.18 10.23
CA ASN B 14 -8.39 1.37 11.64
C ASN B 14 -8.18 0.01 12.29
N ILE B 15 -7.71 0.00 13.53
CA ILE B 15 -7.34 -1.24 14.18
C ILE B 15 -8.54 -2.19 14.30
N GLU B 16 -9.73 -1.62 14.30
CA GLU B 16 -10.95 -2.41 14.44
C GLU B 16 -11.31 -3.13 13.15
N GLY B 17 -10.81 -2.62 12.02
CA GLY B 17 -11.05 -3.27 10.74
C GLY B 17 -11.87 -2.45 9.76
N ILE B 18 -12.29 -1.26 10.17
CA ILE B 18 -13.09 -0.40 9.29
C ILE B 18 -12.24 0.14 8.13
N PHE B 19 -12.76 0.01 6.91
CA PHE B 19 -12.12 0.62 5.74
C PHE B 19 -12.12 2.14 5.90
N THR B 20 -10.95 2.76 5.90
CA THR B 20 -10.86 4.22 5.92
C THR B 20 -10.27 4.78 4.64
N PHE B 21 -9.74 3.88 3.81
CA PHE B 21 -9.32 4.22 2.45
C PHE B 21 -9.40 2.98 1.58
N VAL B 22 -9.85 3.15 0.34
CA VAL B 22 -9.92 2.05 -0.60
C VAL B 22 -9.47 2.49 -1.99
N ASP B 23 -8.47 1.80 -2.52
CA ASP B 23 -7.94 2.10 -3.84
C ASP B 23 -8.88 1.53 -4.91
N HIS B 24 -9.06 2.28 -6.00
CA HIS B 24 -10.13 2.04 -6.97
C HIS B 24 -10.03 0.70 -7.69
N ARG B 25 -8.89 0.04 -7.56
CA ARG B 25 -8.73 -1.27 -8.18
C ARG B 25 -9.57 -2.32 -7.46
N CYS B 26 -10.23 -1.92 -6.39
CA CYS B 26 -11.17 -2.81 -5.71
C CYS B 26 -12.30 -3.25 -6.64
N VAL B 27 -12.69 -2.39 -7.57
CA VAL B 27 -13.74 -2.75 -8.52
C VAL B 27 -13.36 -4.02 -9.30
N ALA B 28 -12.17 -4.02 -9.88
CA ALA B 28 -11.71 -5.19 -10.62
C ALA B 28 -11.49 -6.39 -9.71
N THR B 29 -11.11 -6.15 -8.47
CA THR B 29 -10.71 -7.25 -7.60
C THR B 29 -11.92 -7.93 -6.95
N VAL B 30 -12.81 -7.14 -6.35
CA VAL B 30 -13.94 -7.69 -5.60
C VAL B 30 -15.28 -7.16 -6.05
N GLY B 31 -15.29 -6.32 -7.07
CA GLY B 31 -16.55 -5.94 -7.70
C GLY B 31 -17.21 -4.69 -7.16
N TYR B 32 -16.80 -4.26 -5.97
CA TYR B 32 -17.42 -3.12 -5.31
C TYR B 32 -16.77 -1.81 -5.71
N GLN B 33 -17.57 -0.75 -5.72
CA GLN B 33 -17.04 0.62 -5.75
C GLN B 33 -16.45 0.94 -4.39
N PRO B 34 -15.44 1.82 -4.35
CA PRO B 34 -14.81 2.18 -3.07
C PRO B 34 -15.81 2.69 -2.04
N GLN B 35 -16.80 3.46 -2.48
CA GLN B 35 -17.79 4.02 -1.58
C GLN B 35 -18.64 2.94 -0.93
N GLU B 36 -18.67 1.76 -1.54
CA GLU B 36 -19.47 0.65 -1.01
C GLU B 36 -18.72 -0.11 0.08
N LEU B 37 -17.42 0.16 0.21
CA LEU B 37 -16.59 -0.48 1.22
C LEU B 37 -16.25 0.48 2.36
N LEU B 38 -16.00 1.74 2.02
CA LEU B 38 -15.63 2.74 3.01
C LEU B 38 -16.61 2.82 4.16
N GLY B 39 -16.09 2.81 5.39
CA GLY B 39 -16.94 2.94 6.55
C GLY B 39 -17.45 1.62 7.07
N LYS B 40 -17.24 0.56 6.30
CA LYS B 40 -17.68 -0.77 6.69
C LYS B 40 -16.50 -1.58 7.19
N ASN B 41 -16.76 -2.54 8.06
CA ASN B 41 -15.69 -3.39 8.55
C ASN B 41 -15.42 -4.51 7.54
N ILE B 42 -14.16 -4.73 7.24
CA ILE B 42 -13.81 -5.79 6.29
C ILE B 42 -14.36 -7.14 6.77
N VAL B 43 -14.51 -7.31 8.08
CA VAL B 43 -15.05 -8.55 8.62
C VAL B 43 -16.46 -8.85 8.10
N GLU B 44 -17.21 -7.80 7.78
CA GLU B 44 -18.56 -7.95 7.23
C GLU B 44 -18.56 -8.74 5.91
N PHE B 45 -17.44 -8.69 5.19
CA PHE B 45 -17.33 -9.32 3.87
C PHE B 45 -16.63 -10.66 3.95
N CYS B 46 -16.28 -11.06 5.17
CA CYS B 46 -15.46 -12.24 5.39
C CYS B 46 -16.31 -13.49 5.63
N HIS B 47 -15.92 -14.60 5.04
CA HIS B 47 -16.58 -15.89 5.23
C HIS B 47 -16.65 -16.20 6.74
N PRO B 48 -17.80 -16.70 7.22
CA PRO B 48 -17.95 -17.03 8.64
C PRO B 48 -16.85 -17.95 9.22
N GLU B 49 -16.34 -18.86 8.40
CA GLU B 49 -15.27 -19.76 8.85
C GLU B 49 -13.98 -19.01 9.10
N ASP B 50 -13.83 -17.85 8.45
CA ASP B 50 -12.56 -17.12 8.47
C ASP B 50 -12.61 -15.87 9.35
N GLN B 51 -13.77 -15.52 9.87
CA GLN B 51 -13.94 -14.23 10.51
C GLN B 51 -13.06 -14.06 11.73
N GLN B 52 -12.92 -15.10 12.53
CA GLN B 52 -12.09 -14.97 13.72
C GLN B 52 -10.62 -14.89 13.35
N LEU B 53 -10.22 -15.69 12.37
CA LEU B 53 -8.85 -15.62 11.86
C LEU B 53 -8.52 -14.20 11.39
N LEU B 54 -9.48 -13.55 10.74
CA LEU B 54 -9.28 -12.19 10.27
C LEU B 54 -9.22 -11.21 11.44
N ARG B 55 -10.14 -11.35 12.40
CA ARG B 55 -10.10 -10.52 13.59
C ARG B 55 -8.77 -10.66 14.30
N ASP B 56 -8.30 -11.90 14.41
CA ASP B 56 -7.02 -12.17 15.10
C ASP B 56 -5.88 -11.47 14.36
N SER B 57 -6.00 -11.38 13.04
CA SER B 57 -4.94 -10.82 12.22
C SER B 57 -4.77 -9.33 12.49
N PHE B 58 -5.87 -8.64 12.80
CA PHE B 58 -5.80 -7.23 13.16
C PHE B 58 -4.98 -7.08 14.44
N GLN B 59 -5.29 -7.91 15.42
CA GLN B 59 -4.60 -7.86 16.70
C GLN B 59 -3.12 -8.17 16.52
N GLN B 60 -2.82 -9.20 15.74
CA GLN B 60 -1.43 -9.63 15.55
C GLN B 60 -0.60 -8.60 14.81
N VAL B 61 -1.19 -7.95 13.81
CA VAL B 61 -0.42 -7.01 13.00
C VAL B 61 -0.05 -5.78 13.83
N VAL B 62 -0.90 -5.42 14.78
CA VAL B 62 -0.60 -4.33 15.70
C VAL B 62 0.61 -4.66 16.58
N LYS B 63 0.70 -5.92 17.02
CA LYS B 63 1.81 -6.32 17.87
C LYS B 63 3.12 -6.45 17.09
N LEU B 64 3.02 -6.61 15.78
CA LEU B 64 4.21 -6.69 14.95
C LEU B 64 4.85 -5.32 14.76
N LYS B 65 4.13 -4.29 15.19
CA LYS B 65 4.69 -2.94 15.22
C LYS B 65 5.40 -2.58 13.92
N GLY B 66 4.67 -2.66 12.82
CA GLY B 66 5.22 -2.21 11.55
C GLY B 66 5.63 -3.31 10.59
N GLN B 67 5.86 -4.51 11.11
CA GLN B 67 6.23 -5.64 10.26
C GLN B 67 5.00 -6.21 9.57
N VAL B 68 5.22 -6.97 8.49
CA VAL B 68 4.14 -7.47 7.66
C VAL B 68 3.59 -8.81 8.15
N LEU B 69 2.27 -8.93 8.10
CA LEU B 69 1.58 -10.18 8.41
C LEU B 69 0.72 -10.52 7.19
N SER B 70 0.67 -11.80 6.82
CA SER B 70 -0.21 -12.19 5.73
C SER B 70 -1.24 -13.18 6.20
N VAL B 71 -2.46 -13.06 5.66
CA VAL B 71 -3.53 -13.97 6.03
C VAL B 71 -4.36 -14.30 4.79
N MET B 72 -4.92 -15.51 4.78
CA MET B 72 -5.74 -15.94 3.66
C MET B 72 -7.17 -16.10 4.14
N PHE B 73 -8.13 -15.57 3.38
CA PHE B 73 -9.54 -15.68 3.76
C PHE B 73 -10.44 -15.52 2.55
N ARG B 74 -11.71 -15.87 2.71
CA ARG B 74 -12.67 -15.73 1.62
C ARG B 74 -13.49 -14.46 1.79
N PHE B 75 -13.58 -13.70 0.70
CA PHE B 75 -14.19 -12.36 0.68
C PHE B 75 -15.40 -12.41 -0.25
N ARG B 76 -16.56 -11.99 0.24
CA ARG B 76 -17.77 -12.02 -0.57
C ARG B 76 -17.77 -10.89 -1.58
N SER B 77 -17.63 -11.23 -2.87
CA SER B 77 -17.59 -10.22 -3.91
C SER B 77 -18.99 -9.67 -4.18
N LYS B 78 -19.05 -8.59 -4.93
CA LYS B 78 -20.31 -7.95 -5.25
C LYS B 78 -21.29 -8.95 -5.89
N ASN B 79 -20.76 -9.89 -6.66
CA ASN B 79 -21.60 -10.89 -7.33
C ASN B 79 -21.79 -12.18 -6.53
N GLN B 80 -21.39 -12.16 -5.26
CA GLN B 80 -21.67 -13.23 -4.31
C GLN B 80 -20.76 -14.45 -4.46
N GLU B 81 -19.67 -14.29 -5.20
CA GLU B 81 -18.64 -15.31 -5.24
C GLU B 81 -17.71 -15.08 -4.07
N TRP B 82 -17.38 -16.14 -3.34
CA TRP B 82 -16.47 -16.01 -2.20
C TRP B 82 -15.02 -16.21 -2.64
N LEU B 83 -14.35 -15.08 -2.87
CA LEU B 83 -13.03 -15.09 -3.50
C LEU B 83 -11.94 -15.36 -2.47
N TRP B 84 -10.95 -16.15 -2.86
CA TRP B 84 -9.79 -16.34 -2.01
C TRP B 84 -8.89 -15.12 -2.08
N MET B 85 -8.71 -14.49 -0.93
CA MET B 85 -7.91 -13.28 -0.85
C MET B 85 -6.72 -13.54 0.06
N ARG B 86 -5.55 -13.08 -0.37
CA ARG B 86 -4.41 -13.02 0.52
C ARG B 86 -4.18 -11.54 0.81
N THR B 87 -4.23 -11.19 2.09
CA THR B 87 -3.99 -9.83 2.50
C THR B 87 -2.67 -9.77 3.25
N SER B 88 -1.76 -8.92 2.79
CA SER B 88 -0.54 -8.63 3.52
C SER B 88 -0.73 -7.27 4.14
N SER B 89 -0.54 -7.17 5.45
CA SER B 89 -0.85 -5.95 6.16
C SER B 89 0.30 -5.55 7.08
N PHE B 90 0.38 -4.26 7.35
CA PHE B 90 1.34 -3.76 8.33
C PHE B 90 0.80 -2.45 8.88
N THR B 91 1.20 -2.11 10.10
CA THR B 91 0.80 -0.83 10.66
C THR B 91 1.75 0.29 10.24
N PHE B 92 1.23 1.51 10.23
CA PHE B 92 2.06 2.67 10.00
C PHE B 92 1.70 3.75 10.99
N GLN B 93 2.72 4.46 11.48
CA GLN B 93 2.49 5.64 12.30
C GLN B 93 3.49 6.69 11.84
N ASN B 94 2.99 7.88 11.51
CA ASN B 94 3.90 8.95 11.09
C ASN B 94 4.83 9.26 12.26
N PRO B 95 6.15 9.24 12.01
CA PRO B 95 7.15 9.32 13.09
C PRO B 95 7.17 10.67 13.81
N TYR B 96 6.60 11.69 13.17
CA TYR B 96 6.62 13.04 13.74
C TYR B 96 5.46 13.31 14.68
N SER B 97 4.57 12.34 14.84
CA SER B 97 3.45 12.52 15.76
C SER B 97 3.07 11.21 16.44
N ASP B 98 2.06 11.27 17.29
CA ASP B 98 1.65 10.12 18.07
C ASP B 98 0.22 9.72 17.74
N GLU B 99 -0.20 9.97 16.51
CA GLU B 99 -1.53 9.52 16.07
C GLU B 99 -1.57 8.00 16.12
N ILE B 100 -2.76 7.45 16.39
CA ILE B 100 -2.87 6.01 16.56
C ILE B 100 -2.52 5.31 15.25
N GLU B 101 -1.85 4.17 15.37
CA GLU B 101 -1.42 3.41 14.20
C GLU B 101 -2.65 3.05 13.38
N TYR B 102 -2.48 3.03 12.06
CA TYR B 102 -3.48 2.41 11.20
C TYR B 102 -2.85 1.26 10.43
N ILE B 103 -3.68 0.49 9.74
CA ILE B 103 -3.20 -0.68 9.04
C ILE B 103 -3.31 -0.48 7.53
N ILE B 104 -2.23 -0.79 6.82
CA ILE B 104 -2.24 -0.75 5.37
C ILE B 104 -2.30 -2.18 4.87
N CYS B 105 -3.29 -2.46 4.03
CA CYS B 105 -3.52 -3.81 3.52
C CYS B 105 -3.33 -3.84 2.01
N THR B 106 -2.62 -4.86 1.53
CA THR B 106 -2.60 -5.13 0.12
C THR B 106 -3.34 -6.44 -0.08
N ASN B 107 -4.40 -6.39 -0.89
CA ASN B 107 -5.39 -7.47 -0.96
C ASN B 107 -5.38 -8.08 -2.36
N THR B 108 -4.95 -9.33 -2.46
CA THR B 108 -4.83 -9.99 -3.76
C THR B 108 -5.76 -11.19 -3.87
N ASN B 109 -6.47 -11.31 -4.99
CA ASN B 109 -7.25 -12.51 -5.29
C ASN B 109 -6.29 -13.60 -5.79
N VAL B 110 -6.15 -14.66 -5.00
CA VAL B 110 -5.16 -15.71 -5.26
C VAL B 110 -5.84 -17.06 -5.42
N LYS B 111 -5.08 -18.04 -5.91
CA LYS B 111 -5.57 -19.43 -5.91
C LYS B 111 -5.43 -20.03 -4.53
N ASN B 112 -6.38 -20.88 -4.17
CA ASN B 112 -6.25 -21.72 -2.99
C ASN B 112 -6.96 -23.05 -3.20
#